data_1DKO
#
_entry.id   1DKO
#
_cell.length_a   70.642
_cell.length_b   74.952
_cell.length_c   89.653
_cell.angle_alpha   90.00
_cell.angle_beta   90.00
_cell.angle_gamma   90.00
#
_symmetry.space_group_name_H-M   'P 21 21 21'
#
loop_
_entity.id
_entity.type
_entity.pdbx_description
1 polymer PHYTASE
2 non-polymer 'MERCURY (II) ION'
3 non-polymer TUNGSTATE(VI)ION
4 water water
#
_entity_poly.entity_id   1
_entity_poly.type   'polypeptide(L)'
_entity_poly.pdbx_seq_one_letter_code
;QSEPELKLESVVIVSRHGVRAPTKATQLMQDVTPDAWPTWPVKLGWLTPRGGELIAYLGHYQRQRLVADGLLAKKGCPQS
GQVAIIADVDERTRKTGEAFAAGLAPDCAITVHTQTDTSSPDPLFNPLKTGVCQLDNANVTDAILSRAGGSIADFTGHRQ
TAFRELERVLNFPQSNLCLKREKQDESCSLTQALPSELKVSADNVSLTGAVSLASMLTEIFLLQQAQGMPEPGWGRITDS
HQWNTLLSLHNAQFYLLQRTPEVARSRATPLLDLIKTALTPHPPQKQAYGVTLPTSVLFIAGHDTNLANLGGALELNWTL
PGQPDNTPPGGELVFERWRRLSDNSQWIQVSLVFQTLQQMRDKTPLSLNTPPGEVKLTLAGCEERNAQGMCSLAGFTQIV
NEARIPACSL
;
_entity_poly.pdbx_strand_id   A
#
loop_
_chem_comp.id
_chem_comp.type
_chem_comp.name
_chem_comp.formula
HG non-polymer 'MERCURY (II) ION' 'Hg 2'
WO4 non-polymer TUNGSTATE(VI)ION 'O4 W -2'
#
# COMPACT_ATOMS: atom_id res chain seq x y z
N GLN A 1 -28.76 7.47 -27.81
CA GLN A 1 -27.54 6.78 -27.35
C GLN A 1 -27.75 6.22 -25.95
N SER A 2 -27.25 5.01 -25.71
CA SER A 2 -27.35 4.41 -24.39
C SER A 2 -26.64 5.36 -23.42
N GLU A 3 -27.30 5.68 -22.31
CA GLU A 3 -26.74 6.58 -21.31
C GLU A 3 -26.36 5.77 -20.07
N PRO A 4 -25.34 6.22 -19.33
CA PRO A 4 -24.90 5.50 -18.13
C PRO A 4 -26.04 5.36 -17.11
N GLU A 5 -26.20 4.16 -16.55
CA GLU A 5 -27.24 3.90 -15.55
C GLU A 5 -26.76 4.23 -14.14
N LEU A 6 -25.45 4.45 -14.01
CA LEU A 6 -24.85 4.80 -12.72
C LEU A 6 -24.11 6.13 -12.82
N LYS A 7 -24.09 6.89 -11.73
CA LYS A 7 -23.40 8.18 -11.72
C LYS A 7 -22.41 8.25 -10.54
N LEU A 8 -21.15 8.51 -10.86
CA LEU A 8 -20.10 8.63 -9.86
C LEU A 8 -20.31 9.90 -9.05
N GLU A 9 -20.51 9.75 -7.74
CA GLU A 9 -20.74 10.91 -6.87
C GLU A 9 -19.67 11.12 -5.81
N SER A 10 -18.78 10.15 -5.63
CA SER A 10 -17.76 10.29 -4.62
C SER A 10 -16.60 9.33 -4.76
N VAL A 11 -15.38 9.85 -4.57
CA VAL A 11 -14.19 9.03 -4.67
C VAL A 11 -13.24 9.22 -3.48
N VAL A 12 -12.80 8.12 -2.91
CA VAL A 12 -11.84 8.16 -1.81
C VAL A 12 -10.69 7.27 -2.21
N ILE A 13 -9.51 7.86 -2.32
CA ILE A 13 -8.33 7.12 -2.71
C ILE A 13 -7.32 7.00 -1.59
N VAL A 14 -7.02 5.77 -1.21
CA VAL A 14 -6.00 5.53 -0.20
C VAL A 14 -4.81 5.10 -1.02
N SER A 15 -3.79 5.95 -1.05
CA SER A 15 -2.60 5.67 -1.82
C SER A 15 -1.34 5.50 -1.00
N ARG A 16 -0.44 4.68 -1.50
CA ARG A 16 0.84 4.47 -0.88
C ARG A 16 1.73 5.57 -1.44
N HIS A 17 2.72 6.00 -0.66
CA HIS A 17 3.62 7.04 -1.16
C HIS A 17 4.30 6.50 -2.40
N GLY A 18 5.03 7.36 -3.11
CA GLY A 18 5.69 6.92 -4.32
C GLY A 18 7.05 6.32 -4.02
N VAL A 19 7.79 6.06 -5.11
CA VAL A 19 9.13 5.49 -5.03
C VAL A 19 9.99 6.33 -4.12
N ARG A 20 10.69 5.65 -3.22
CA ARG A 20 11.55 6.28 -2.24
C ARG A 20 12.86 5.48 -2.12
N ALA A 21 13.86 6.10 -1.53
CA ALA A 21 15.14 5.43 -1.32
C ALA A 21 14.92 4.46 -0.18
N PRO A 22 15.72 3.38 -0.08
CA PRO A 22 15.52 2.44 1.03
C PRO A 22 15.49 3.15 2.37
N THR A 23 14.71 2.63 3.31
CA THR A 23 14.56 3.22 4.64
C THR A 23 15.77 3.00 5.55
N LYS A 24 16.59 2.00 5.22
CA LYS A 24 17.78 1.71 6.03
C LYS A 24 18.98 1.26 5.22
N ALA A 25 20.12 1.19 5.91
CA ALA A 25 21.39 0.75 5.34
C ALA A 25 22.16 0.19 6.54
N THR A 26 21.76 -1.00 6.96
CA THR A 26 22.36 -1.66 8.12
C THR A 26 23.57 -2.53 7.83
N GLN A 27 24.22 -2.97 8.90
CA GLN A 27 25.41 -3.82 8.79
C GLN A 27 25.00 -5.19 8.28
N LEU A 28 23.82 -5.65 8.67
CA LEU A 28 23.31 -6.95 8.21
C LEU A 28 23.19 -6.92 6.69
N MET A 29 22.54 -5.88 6.18
CA MET A 29 22.34 -5.72 4.76
C MET A 29 23.62 -5.81 3.93
N GLN A 30 24.75 -5.44 4.51
CA GLN A 30 26.01 -5.51 3.77
C GLN A 30 26.69 -6.85 3.94
N ASP A 31 26.42 -7.51 5.07
CA ASP A 31 27.03 -8.81 5.34
C ASP A 31 26.43 -9.98 4.54
N VAL A 32 25.21 -9.80 4.02
CA VAL A 32 24.56 -10.87 3.26
C VAL A 32 24.90 -10.81 1.78
N THR A 33 25.71 -9.82 1.41
CA THR A 33 26.12 -9.68 0.02
C THR A 33 27.54 -9.13 -0.06
N PRO A 34 28.35 -9.66 -0.98
CA PRO A 34 29.73 -9.20 -1.14
C PRO A 34 29.76 -7.91 -1.96
N ASP A 35 28.66 -7.65 -2.68
CA ASP A 35 28.55 -6.46 -3.52
C ASP A 35 28.08 -5.21 -2.79
N ALA A 36 28.39 -4.06 -3.37
CA ALA A 36 28.03 -2.77 -2.78
C ALA A 36 26.66 -2.30 -3.26
N TRP A 37 25.79 -1.95 -2.30
CA TRP A 37 24.46 -1.48 -2.62
C TRP A 37 24.51 -0.12 -3.32
N PRO A 38 23.81 0.04 -4.44
CA PRO A 38 23.82 1.34 -5.14
C PRO A 38 23.21 2.45 -4.29
N THR A 39 23.75 3.66 -4.44
CA THR A 39 23.30 4.81 -3.68
C THR A 39 22.12 5.53 -4.34
N TRP A 40 21.34 6.23 -3.53
CA TRP A 40 20.17 6.94 -4.02
C TRP A 40 20.35 8.48 -4.00
N PRO A 41 19.66 9.19 -4.90
CA PRO A 41 19.74 10.65 -5.00
C PRO A 41 19.06 11.45 -3.89
N VAL A 42 18.40 10.75 -2.96
CA VAL A 42 17.72 11.43 -1.86
C VAL A 42 18.10 10.76 -0.54
N LYS A 43 17.62 11.34 0.56
CA LYS A 43 17.90 10.78 1.87
C LYS A 43 17.09 9.51 2.04
N LEU A 44 17.56 8.62 2.92
CA LEU A 44 16.87 7.37 3.18
C LEU A 44 15.38 7.60 3.48
N GLY A 45 14.52 6.78 2.90
CA GLY A 45 13.10 6.89 3.13
C GLY A 45 12.41 8.11 2.55
N TRP A 46 13.13 8.91 1.77
CA TRP A 46 12.54 10.12 1.18
C TRP A 46 12.07 9.81 -0.23
N LEU A 47 11.06 10.57 -0.69
CA LEU A 47 10.53 10.39 -2.02
C LEU A 47 11.53 10.92 -3.02
N THR A 48 11.75 10.19 -4.12
CA THR A 48 12.67 10.64 -5.14
C THR A 48 11.91 11.47 -6.16
N PRO A 49 12.58 12.44 -6.81
CA PRO A 49 11.84 13.23 -7.79
C PRO A 49 11.14 12.34 -8.82
N ARG A 50 11.75 11.22 -9.15
CA ARG A 50 11.14 10.27 -10.09
C ARG A 50 9.86 9.71 -9.46
N GLY A 51 9.94 9.39 -8.17
CA GLY A 51 8.77 8.88 -7.47
C GLY A 51 7.67 9.94 -7.53
N GLY A 52 8.04 11.20 -7.40
CA GLY A 52 7.05 12.26 -7.46
C GLY A 52 6.40 12.33 -8.83
N GLU A 53 7.21 12.20 -9.87
CA GLU A 53 6.73 12.22 -11.25
C GLU A 53 5.73 11.08 -11.47
N LEU A 54 6.11 9.88 -11.06
CA LEU A 54 5.22 8.72 -11.22
C LEU A 54 3.88 8.96 -10.52
N ILE A 55 3.93 9.59 -9.35
CA ILE A 55 2.69 9.88 -8.65
C ILE A 55 1.90 10.92 -9.44
N ALA A 56 2.61 11.93 -9.95
CA ALA A 56 1.96 12.99 -10.74
C ALA A 56 1.26 12.40 -11.96
N TYR A 57 1.85 11.36 -12.54
CA TYR A 57 1.23 10.71 -13.71
C TYR A 57 -0.15 10.16 -13.34
N LEU A 58 -0.21 9.52 -12.19
CA LEU A 58 -1.47 8.94 -11.71
C LEU A 58 -2.46 10.08 -11.42
N GLY A 59 -1.91 11.18 -10.92
CA GLY A 59 -2.75 12.34 -10.64
C GLY A 59 -3.31 12.83 -11.95
N HIS A 60 -2.46 12.88 -12.98
CA HIS A 60 -2.88 13.34 -14.31
C HIS A 60 -3.98 12.42 -14.84
N TYR A 61 -3.74 11.12 -14.73
CA TYR A 61 -4.72 10.13 -15.18
C TYR A 61 -6.06 10.22 -14.45
N GLN A 62 -6.01 10.36 -13.13
CA GLN A 62 -7.25 10.45 -12.37
C GLN A 62 -8.08 11.67 -12.77
N ARG A 63 -7.40 12.74 -13.14
CA ARG A 63 -8.11 13.94 -13.54
C ARG A 63 -8.86 13.65 -14.85
N GLN A 64 -8.19 13.05 -15.82
CA GLN A 64 -8.84 12.74 -17.09
C GLN A 64 -9.99 11.76 -16.84
N ARG A 65 -9.72 10.75 -16.01
CA ARG A 65 -10.68 9.73 -15.67
C ARG A 65 -11.92 10.33 -15.01
N LEU A 66 -11.70 11.16 -14.00
CA LEU A 66 -12.81 11.79 -13.29
C LEU A 66 -13.60 12.77 -14.15
N VAL A 67 -12.93 13.42 -15.11
CA VAL A 67 -13.61 14.35 -16.00
C VAL A 67 -14.60 13.55 -16.86
N ALA A 68 -14.13 12.44 -17.42
CA ALA A 68 -14.97 11.58 -18.24
C ALA A 68 -16.13 11.02 -17.42
N ASP A 69 -15.94 10.89 -16.11
CA ASP A 69 -17.01 10.37 -15.26
C ASP A 69 -17.89 11.53 -14.76
N GLY A 70 -17.51 12.74 -15.18
CA GLY A 70 -18.25 13.93 -14.83
C GLY A 70 -18.22 14.44 -13.41
N LEU A 71 -17.27 13.97 -12.60
CA LEU A 71 -17.21 14.43 -11.20
C LEU A 71 -16.37 15.69 -11.05
N LEU A 72 -15.41 15.88 -11.95
CA LEU A 72 -14.53 17.04 -11.95
C LEU A 72 -14.63 17.74 -13.30
N ALA A 73 -14.55 19.07 -13.31
CA ALA A 73 -14.62 19.84 -14.55
C ALA A 73 -13.35 19.59 -15.36
N LYS A 74 -13.46 19.74 -16.69
CA LYS A 74 -12.32 19.52 -17.56
C LYS A 74 -11.32 20.66 -17.49
N LYS A 75 -11.83 21.87 -17.28
CA LYS A 75 -10.97 23.05 -17.21
C LYS A 75 -10.98 23.74 -15.85
N GLY A 76 -9.90 24.47 -15.58
CA GLY A 76 -9.78 25.19 -14.33
C GLY A 76 -9.47 24.35 -13.12
N CYS A 77 -9.26 25.04 -12.00
CA CYS A 77 -8.95 24.39 -10.73
C CYS A 77 -10.24 23.87 -10.12
N PRO A 78 -10.16 22.71 -9.46
CA PRO A 78 -11.41 22.22 -8.87
C PRO A 78 -11.98 23.28 -7.95
N GLN A 79 -13.31 23.32 -7.83
CA GLN A 79 -13.98 24.29 -6.98
C GLN A 79 -13.51 24.11 -5.55
N SER A 80 -13.59 25.19 -4.76
CA SER A 80 -13.17 25.17 -3.37
C SER A 80 -13.90 24.04 -2.64
N GLY A 81 -13.16 23.30 -1.83
CA GLY A 81 -13.76 22.21 -1.08
C GLY A 81 -14.39 21.13 -1.94
N GLN A 82 -13.74 20.82 -3.07
CA GLN A 82 -14.24 19.78 -3.96
C GLN A 82 -13.22 18.63 -3.85
N VAL A 83 -11.95 19.01 -3.75
CA VAL A 83 -10.87 18.04 -3.63
C VAL A 83 -10.11 18.24 -2.31
N ALA A 84 -9.94 17.15 -1.57
CA ALA A 84 -9.24 17.20 -0.30
C ALA A 84 -8.10 16.18 -0.31
N ILE A 85 -6.92 16.62 0.11
CA ILE A 85 -5.75 15.77 0.15
C ILE A 85 -5.20 15.75 1.56
N ILE A 86 -5.11 14.54 2.12
CA ILE A 86 -4.59 14.34 3.46
C ILE A 86 -3.36 13.46 3.32
N ALA A 87 -2.41 13.60 4.23
CA ALA A 87 -1.20 12.79 4.15
C ALA A 87 -0.61 12.57 5.54
N ASP A 88 0.07 11.43 5.69
CA ASP A 88 0.71 11.12 6.95
C ASP A 88 1.83 12.15 7.04
N VAL A 89 2.36 12.34 8.24
CA VAL A 89 3.41 13.33 8.49
C VAL A 89 4.76 13.09 7.84
N ASP A 90 4.97 11.89 7.30
CA ASP A 90 6.26 11.60 6.67
C ASP A 90 6.52 12.45 5.43
N GLU A 91 7.79 12.77 5.21
CA GLU A 91 8.20 13.53 4.05
C GLU A 91 7.65 12.86 2.81
N ARG A 92 7.87 11.55 2.69
CA ARG A 92 7.41 10.82 1.52
C ARG A 92 5.91 10.82 1.27
N THR A 93 5.10 10.86 2.33
CA THR A 93 3.65 10.90 2.15
C THR A 93 3.21 12.32 1.82
N ARG A 94 3.79 13.29 2.53
CA ARG A 94 3.49 14.69 2.26
C ARG A 94 3.78 14.99 0.79
N LYS A 95 4.99 14.66 0.35
CA LYS A 95 5.39 14.90 -1.04
C LYS A 95 4.54 14.14 -2.06
N THR A 96 4.01 12.99 -1.65
CA THR A 96 3.15 12.20 -2.56
C THR A 96 1.85 12.94 -2.73
N GLY A 97 1.39 13.60 -1.65
CA GLY A 97 0.16 14.37 -1.71
C GLY A 97 0.34 15.56 -2.64
N GLU A 98 1.53 16.14 -2.62
CA GLU A 98 1.86 17.30 -3.46
C GLU A 98 2.03 16.90 -4.93
N ALA A 99 2.64 15.74 -5.15
CA ALA A 99 2.86 15.21 -6.50
C ALA A 99 1.52 14.88 -7.15
N PHE A 100 0.60 14.31 -6.37
CA PHE A 100 -0.72 13.95 -6.90
C PHE A 100 -1.52 15.21 -7.24
N ALA A 101 -1.50 16.19 -6.34
CA ALA A 101 -2.22 17.43 -6.55
C ALA A 101 -1.70 18.11 -7.83
N ALA A 102 -0.38 18.21 -7.94
CA ALA A 102 0.23 18.85 -9.09
C ALA A 102 -0.16 18.15 -10.38
N GLY A 103 -0.33 16.83 -10.31
CA GLY A 103 -0.70 16.08 -11.49
C GLY A 103 -2.19 16.17 -11.76
N LEU A 104 -2.98 16.22 -10.69
CA LEU A 104 -4.43 16.32 -10.80
C LEU A 104 -4.87 17.71 -11.25
N ALA A 105 -4.31 18.75 -10.61
CA ALA A 105 -4.67 20.14 -10.97
C ALA A 105 -3.44 21.04 -11.01
N PRO A 106 -2.63 20.93 -12.08
CA PRO A 106 -1.42 21.75 -12.21
C PRO A 106 -1.61 23.22 -11.89
N ASP A 107 -0.63 23.80 -11.18
CA ASP A 107 -0.64 25.22 -10.83
C ASP A 107 -1.81 25.63 -9.94
N CYS A 108 -2.60 24.67 -9.46
CA CYS A 108 -3.74 25.04 -8.62
C CYS A 108 -3.40 25.07 -7.14
N ALA A 109 -2.23 24.53 -6.80
CA ALA A 109 -1.78 24.51 -5.41
C ALA A 109 -2.82 23.99 -4.43
N ILE A 110 -3.27 22.76 -4.64
CA ILE A 110 -4.24 22.19 -3.71
C ILE A 110 -3.47 21.91 -2.44
N THR A 111 -4.10 22.17 -1.29
CA THR A 111 -3.44 21.98 -0.02
C THR A 111 -3.37 20.52 0.41
N VAL A 112 -2.21 20.13 0.94
CA VAL A 112 -2.00 18.78 1.44
C VAL A 112 -2.04 18.93 2.95
N HIS A 113 -3.13 18.49 3.57
CA HIS A 113 -3.28 18.64 5.00
C HIS A 113 -2.71 17.44 5.76
N THR A 114 -2.11 17.71 6.91
CA THR A 114 -1.56 16.66 7.74
C THR A 114 -1.90 17.02 9.16
N GLN A 115 -1.55 16.13 10.07
CA GLN A 115 -1.78 16.39 11.48
C GLN A 115 -0.91 17.62 11.76
N THR A 116 -1.36 18.49 12.66
CA THR A 116 -0.61 19.72 12.97
C THR A 116 0.79 19.44 13.51
N ASP A 117 0.90 18.48 14.42
CA ASP A 117 2.19 18.13 14.98
C ASP A 117 2.85 17.07 14.09
N THR A 118 3.79 17.49 13.24
CA THR A 118 4.47 16.59 12.33
C THR A 118 5.68 15.86 12.89
N SER A 119 5.98 16.07 14.18
CA SER A 119 7.11 15.40 14.80
C SER A 119 6.62 14.23 15.65
N SER A 120 5.29 14.11 15.74
CA SER A 120 4.65 13.03 16.48
C SER A 120 3.89 12.20 15.44
N PRO A 121 3.76 10.89 15.65
CA PRO A 121 3.03 10.08 14.66
C PRO A 121 1.53 10.37 14.62
N ASP A 122 0.93 10.12 13.45
CA ASP A 122 -0.50 10.34 13.24
C ASP A 122 -1.26 9.03 13.43
N PRO A 123 -2.10 8.96 14.47
CA PRO A 123 -2.86 7.73 14.73
C PRO A 123 -3.77 7.29 13.57
N LEU A 124 -4.17 8.21 12.72
CA LEU A 124 -5.00 7.83 11.59
C LEU A 124 -4.31 6.70 10.83
N PHE A 125 -2.97 6.78 10.71
CA PHE A 125 -2.23 5.75 9.97
C PHE A 125 -1.72 4.52 10.75
N ASN A 126 -2.06 4.46 12.03
CA ASN A 126 -1.70 3.33 12.90
C ASN A 126 -2.01 3.72 14.35
N PRO A 127 -3.22 3.40 14.82
CA PRO A 127 -3.66 3.71 16.19
C PRO A 127 -2.90 2.95 17.28
N LEU A 128 -2.20 1.90 16.89
CA LEU A 128 -1.43 1.10 17.82
C LEU A 128 -0.20 1.87 18.29
N LYS A 129 0.58 2.35 17.33
CA LYS A 129 1.81 3.09 17.59
C LYS A 129 1.67 4.24 18.59
N THR A 130 0.52 4.92 18.58
CA THR A 130 0.31 6.06 19.50
C THR A 130 -0.41 5.66 20.80
N GLY A 131 -0.86 4.42 20.87
CA GLY A 131 -1.52 3.97 22.08
C GLY A 131 -3.03 4.14 22.12
N VAL A 132 -3.63 4.54 21.00
CA VAL A 132 -5.08 4.71 20.99
C VAL A 132 -5.73 3.39 21.42
N CYS A 133 -5.15 2.28 20.98
CA CYS A 133 -5.65 0.95 21.32
C CYS A 133 -4.50 -0.06 21.28
N GLN A 134 -4.75 -1.25 21.81
CA GLN A 134 -3.74 -2.30 21.87
C GLN A 134 -4.12 -3.61 21.20
N LEU A 135 -3.11 -4.44 20.96
CA LEU A 135 -3.32 -5.74 20.35
C LEU A 135 -3.43 -6.79 21.44
N ASP A 136 -4.24 -7.81 21.20
CA ASP A 136 -4.39 -8.89 22.15
C ASP A 136 -3.20 -9.79 21.81
N ASN A 137 -2.15 -9.72 22.62
CA ASN A 137 -0.94 -10.48 22.39
C ASN A 137 -1.14 -11.96 22.10
N ALA A 138 -1.70 -12.67 23.06
CA ALA A 138 -1.94 -14.10 22.90
C ALA A 138 -2.75 -14.40 21.63
N ASN A 139 -3.87 -13.70 21.46
CA ASN A 139 -4.73 -13.91 20.30
C ASN A 139 -4.03 -13.60 18.98
N VAL A 140 -3.24 -12.53 18.95
CA VAL A 140 -2.52 -12.16 17.73
C VAL A 140 -1.44 -13.21 17.44
N THR A 141 -0.76 -13.68 18.48
CA THR A 141 0.26 -14.69 18.32
C THR A 141 -0.33 -15.96 17.71
N ASP A 142 -1.50 -16.36 18.21
CA ASP A 142 -2.17 -17.56 17.69
C ASP A 142 -2.67 -17.42 16.26
N ALA A 143 -3.23 -16.26 15.93
CA ALA A 143 -3.75 -16.04 14.59
C ALA A 143 -2.64 -15.99 13.54
N ILE A 144 -1.51 -15.35 13.84
CA ILE A 144 -0.41 -15.27 12.89
C ILE A 144 0.21 -16.63 12.65
N LEU A 145 0.50 -17.34 13.74
CA LEU A 145 1.08 -18.67 13.65
C LEU A 145 0.15 -19.60 12.89
N SER A 146 -1.15 -19.47 13.16
CA SER A 146 -2.15 -20.29 12.50
C SER A 146 -2.06 -20.07 10.99
N ARG A 147 -2.09 -18.81 10.58
CA ARG A 147 -2.01 -18.48 9.16
C ARG A 147 -0.66 -18.88 8.59
N ALA A 148 0.34 -19.05 9.46
CA ALA A 148 1.69 -19.43 9.03
C ALA A 148 1.81 -20.94 8.86
N GLY A 149 0.75 -21.65 9.22
CA GLY A 149 0.78 -23.09 9.09
C GLY A 149 1.32 -23.73 10.34
N GLY A 150 1.20 -23.03 11.47
CA GLY A 150 1.66 -23.58 12.73
C GLY A 150 2.98 -23.04 13.25
N SER A 151 3.91 -22.74 12.35
CA SER A 151 5.21 -22.23 12.78
C SER A 151 5.84 -21.46 11.63
N ILE A 152 6.73 -20.54 11.96
CA ILE A 152 7.40 -19.74 10.94
C ILE A 152 8.34 -20.65 10.15
N ALA A 153 8.77 -21.74 10.77
CA ALA A 153 9.68 -22.67 10.13
C ALA A 153 9.02 -23.34 8.94
N ASP A 154 7.78 -23.80 9.11
CA ASP A 154 7.07 -24.45 8.03
C ASP A 154 6.78 -23.40 6.98
N PHE A 155 6.53 -22.18 7.43
CA PHE A 155 6.25 -21.06 6.54
C PHE A 155 7.44 -20.80 5.61
N THR A 156 8.65 -20.66 6.19
CA THR A 156 9.84 -20.42 5.37
C THR A 156 10.18 -21.64 4.54
N GLY A 157 10.05 -22.81 5.17
CA GLY A 157 10.35 -24.05 4.46
C GLY A 157 9.60 -24.15 3.15
N HIS A 158 8.40 -23.58 3.12
CA HIS A 158 7.61 -23.64 1.90
C HIS A 158 8.02 -22.62 0.85
N ARG A 159 8.95 -21.75 1.22
CA ARG A 159 9.40 -20.69 0.32
C ARG A 159 10.90 -20.68 0.11
N GLN A 160 11.53 -21.83 0.32
CA GLN A 160 12.98 -21.95 0.13
C GLN A 160 13.38 -21.64 -1.30
N THR A 161 12.52 -21.95 -2.26
CA THR A 161 12.83 -21.66 -3.64
C THR A 161 13.00 -20.16 -3.82
N ALA A 162 12.12 -19.40 -3.18
CA ALA A 162 12.18 -17.94 -3.26
C ALA A 162 13.39 -17.43 -2.48
N PHE A 163 13.68 -18.05 -1.35
CA PHE A 163 14.84 -17.66 -0.54
C PHE A 163 16.16 -17.95 -1.24
N ARG A 164 16.27 -19.08 -1.93
CA ARG A 164 17.50 -19.40 -2.65
C ARG A 164 17.66 -18.47 -3.84
N GLU A 165 16.54 -17.99 -4.37
CA GLU A 165 16.60 -17.07 -5.50
C GLU A 165 17.17 -15.76 -5.01
N LEU A 166 16.78 -15.35 -3.80
CA LEU A 166 17.27 -14.11 -3.21
C LEU A 166 18.77 -14.22 -2.94
N GLU A 167 19.18 -15.38 -2.44
CA GLU A 167 20.60 -15.64 -2.14
C GLU A 167 21.42 -15.59 -3.42
N ARG A 168 20.82 -16.04 -4.51
CA ARG A 168 21.48 -16.06 -5.81
C ARG A 168 21.74 -14.62 -6.23
N VAL A 169 20.73 -13.78 -6.06
CA VAL A 169 20.85 -12.37 -6.43
C VAL A 169 21.88 -11.66 -5.54
N LEU A 170 21.94 -12.05 -4.28
CA LEU A 170 22.88 -11.47 -3.33
C LEU A 170 24.29 -12.07 -3.44
N ASN A 171 24.41 -13.18 -4.16
CA ASN A 171 25.68 -13.91 -4.25
C ASN A 171 26.02 -14.10 -2.79
N PHE A 172 25.00 -14.54 -2.06
CA PHE A 172 25.08 -14.82 -0.64
C PHE A 172 26.23 -15.77 -0.30
N PRO A 173 26.48 -16.78 -1.15
CA PRO A 173 27.57 -17.72 -0.86
C PRO A 173 28.96 -17.11 -0.65
N GLN A 174 29.20 -15.95 -1.25
CA GLN A 174 30.47 -15.25 -1.08
C GLN A 174 30.30 -14.02 -0.19
N SER A 175 29.33 -14.08 0.72
CA SER A 175 29.07 -12.97 1.63
C SER A 175 29.82 -13.15 2.93
N ASN A 176 29.92 -12.07 3.70
CA ASN A 176 30.61 -12.13 4.98
C ASN A 176 29.87 -13.05 5.94
N LEU A 177 28.55 -12.88 6.02
CA LEU A 177 27.75 -13.71 6.92
C LEU A 177 28.03 -15.19 6.63
N CYS A 178 28.06 -15.53 5.34
CA CYS A 178 28.32 -16.89 4.91
C CYS A 178 29.78 -17.31 5.15
N LEU A 179 30.72 -16.48 4.71
CA LEU A 179 32.14 -16.81 4.86
C LEU A 179 32.64 -16.94 6.31
N LYS A 180 32.22 -16.04 7.19
CA LYS A 180 32.65 -16.09 8.58
C LYS A 180 31.74 -16.99 9.40
N ARG A 181 31.04 -17.89 8.71
CA ARG A 181 30.15 -18.83 9.34
C ARG A 181 30.99 -19.77 10.22
N GLU A 182 30.52 -20.02 11.43
CA GLU A 182 31.25 -20.90 12.35
C GLU A 182 30.95 -22.35 12.06
N LYS A 183 29.68 -22.65 11.82
CA LYS A 183 29.25 -24.01 11.52
C LYS A 183 29.25 -24.23 10.01
N GLN A 184 30.44 -24.22 9.43
CA GLN A 184 30.61 -24.40 7.99
C GLN A 184 30.52 -25.86 7.58
N ASP A 185 30.01 -26.67 8.51
CA ASP A 185 29.80 -28.09 8.30
C ASP A 185 28.61 -28.21 7.34
N GLU A 186 27.78 -27.17 7.33
CA GLU A 186 26.59 -27.14 6.49
C GLU A 186 26.61 -26.03 5.44
N SER A 187 25.71 -26.12 4.48
CA SER A 187 25.63 -25.14 3.40
C SER A 187 25.00 -23.83 3.87
N CYS A 188 25.46 -22.72 3.30
CA CYS A 188 24.95 -21.40 3.66
C CYS A 188 23.49 -21.24 3.30
N SER A 189 22.71 -20.79 4.28
CA SER A 189 21.29 -20.60 4.09
C SER A 189 20.81 -19.39 4.87
N LEU A 190 20.13 -18.47 4.18
CA LEU A 190 19.61 -17.28 4.85
C LEU A 190 18.65 -17.64 5.98
N THR A 191 17.71 -18.55 5.74
CA THR A 191 16.75 -18.90 6.80
C THR A 191 17.44 -19.60 7.97
N GLN A 192 18.54 -20.28 7.69
CA GLN A 192 19.26 -20.98 8.75
C GLN A 192 20.15 -20.00 9.50
N ALA A 193 20.84 -19.14 8.75
CA ALA A 193 21.73 -18.16 9.37
C ALA A 193 20.96 -17.13 10.19
N LEU A 194 19.73 -16.84 9.78
CA LEU A 194 18.91 -15.85 10.47
C LEU A 194 17.53 -16.40 10.82
N PRO A 195 17.44 -17.20 11.88
CA PRO A 195 16.16 -17.77 12.28
C PRO A 195 15.12 -16.66 12.53
N SER A 196 13.93 -16.86 11.99
CA SER A 196 12.87 -15.86 12.13
C SER A 196 11.91 -16.14 13.26
N GLU A 197 11.77 -15.19 14.17
CA GLU A 197 10.87 -15.32 15.31
C GLU A 197 9.74 -14.30 15.25
N LEU A 198 8.61 -14.67 15.83
CA LEU A 198 7.45 -13.81 15.87
C LEU A 198 7.48 -13.04 17.18
N LYS A 199 7.45 -11.72 17.11
CA LYS A 199 7.45 -10.88 18.30
C LYS A 199 6.15 -10.06 18.34
N VAL A 200 5.34 -10.29 19.35
CA VAL A 200 4.06 -9.59 19.49
C VAL A 200 4.00 -8.73 20.75
N SER A 201 3.68 -7.46 20.59
CA SER A 201 3.55 -6.57 21.74
C SER A 201 2.24 -5.81 21.61
N ALA A 202 1.83 -5.16 22.69
CA ALA A 202 0.59 -4.40 22.71
C ALA A 202 0.46 -3.41 21.56
N ASP A 203 1.59 -2.88 21.08
CA ASP A 203 1.55 -1.90 20.01
C ASP A 203 2.25 -2.28 18.72
N ASN A 204 2.76 -3.51 18.63
CA ASN A 204 3.47 -3.88 17.42
C ASN A 204 3.69 -5.38 17.23
N VAL A 205 3.88 -5.75 15.97
CA VAL A 205 4.12 -7.13 15.60
C VAL A 205 5.26 -7.13 14.58
N SER A 206 6.18 -8.08 14.73
CA SER A 206 7.29 -8.13 13.80
C SER A 206 7.84 -9.53 13.64
N LEU A 207 8.63 -9.71 12.59
CA LEU A 207 9.30 -10.96 12.29
C LEU A 207 10.77 -10.65 12.28
N THR A 208 11.56 -11.36 13.06
CA THR A 208 12.99 -11.10 13.05
C THR A 208 13.54 -12.02 11.97
N GLY A 209 14.85 -12.00 11.78
CA GLY A 209 15.48 -12.89 10.83
C GLY A 209 15.40 -12.65 9.33
N ALA A 210 15.46 -13.76 8.61
CA ALA A 210 15.45 -13.76 7.16
C ALA A 210 14.14 -13.33 6.55
N VAL A 211 13.04 -13.59 7.25
CA VAL A 211 11.75 -13.20 6.72
C VAL A 211 11.66 -11.69 6.51
N SER A 212 11.98 -10.92 7.53
CA SER A 212 11.90 -9.47 7.42
C SER A 212 13.03 -8.89 6.57
N LEU A 213 14.20 -9.52 6.62
CA LEU A 213 15.32 -9.05 5.80
C LEU A 213 14.93 -9.27 4.35
N ALA A 214 14.53 -10.50 4.03
CA ALA A 214 14.12 -10.84 2.68
C ALA A 214 13.00 -9.90 2.20
N SER A 215 12.02 -9.66 3.05
CA SER A 215 10.91 -8.78 2.67
C SER A 215 11.41 -7.37 2.35
N MET A 216 12.39 -6.89 3.10
CA MET A 216 12.94 -5.55 2.87
C MET A 216 13.85 -5.50 1.65
N LEU A 217 14.74 -6.49 1.55
CA LEU A 217 15.68 -6.56 0.43
C LEU A 217 15.00 -6.64 -0.93
N THR A 218 13.98 -7.47 -1.03
CA THR A 218 13.28 -7.64 -2.31
C THR A 218 12.53 -6.37 -2.69
N GLU A 219 12.01 -5.67 -1.70
CA GLU A 219 11.30 -4.42 -1.94
C GLU A 219 12.30 -3.41 -2.51
N ILE A 220 13.52 -3.42 -1.97
CA ILE A 220 14.59 -2.54 -2.42
C ILE A 220 14.93 -2.81 -3.89
N PHE A 221 14.97 -4.09 -4.28
CA PHE A 221 15.26 -4.42 -5.67
C PHE A 221 14.17 -3.81 -6.57
N LEU A 222 12.92 -3.90 -6.13
CA LEU A 222 11.81 -3.33 -6.92
C LEU A 222 11.98 -1.82 -7.01
N LEU A 223 12.32 -1.19 -5.89
CA LEU A 223 12.52 0.25 -5.88
C LEU A 223 13.59 0.67 -6.90
N GLN A 224 14.71 -0.06 -6.94
CA GLN A 224 15.77 0.26 -7.88
C GLN A 224 15.21 0.21 -9.30
N GLN A 225 14.42 -0.84 -9.57
CA GLN A 225 13.82 -1.04 -10.88
C GLN A 225 12.90 0.12 -11.23
N ALA A 226 11.99 0.45 -10.31
CA ALA A 226 11.04 1.55 -10.50
C ALA A 226 11.77 2.89 -10.65
N GLN A 227 12.88 3.02 -9.93
CA GLN A 227 13.69 4.24 -9.96
C GLN A 227 14.48 4.39 -11.25
N GLY A 228 14.54 3.32 -12.04
CA GLY A 228 15.26 3.37 -13.29
C GLY A 228 16.76 3.19 -13.14
N MET A 229 17.20 2.62 -12.01
CA MET A 229 18.63 2.41 -11.83
C MET A 229 19.11 1.40 -12.87
N PRO A 230 20.37 1.55 -13.33
CA PRO A 230 20.99 0.68 -14.34
C PRO A 230 20.76 -0.82 -14.20
N GLU A 231 21.24 -1.40 -13.10
CA GLU A 231 21.11 -2.83 -12.87
C GLU A 231 20.64 -3.25 -11.48
N PRO A 232 19.32 -3.24 -11.25
CA PRO A 232 18.75 -3.64 -9.97
C PRO A 232 19.26 -5.02 -9.58
N GLY A 233 19.64 -5.21 -8.33
CA GLY A 233 20.14 -6.51 -7.91
C GLY A 233 21.42 -6.89 -8.63
N TRP A 234 22.25 -5.88 -8.90
CA TRP A 234 23.53 -6.08 -9.57
C TRP A 234 23.39 -6.81 -10.91
N GLY A 235 22.29 -6.56 -11.61
CA GLY A 235 22.05 -7.18 -12.90
C GLY A 235 21.69 -8.66 -12.87
N ARG A 236 21.42 -9.20 -11.69
CA ARG A 236 21.08 -10.61 -11.55
C ARG A 236 19.59 -10.93 -11.71
N ILE A 237 18.77 -9.91 -11.90
CA ILE A 237 17.33 -10.13 -12.08
C ILE A 237 17.00 -9.88 -13.54
N THR A 238 16.85 -10.97 -14.29
CA THR A 238 16.61 -10.86 -15.71
C THR A 238 15.23 -11.16 -16.29
N ASP A 239 14.28 -11.65 -15.49
CA ASP A 239 12.95 -11.92 -16.03
C ASP A 239 11.82 -11.75 -15.03
N SER A 240 10.60 -11.67 -15.54
CA SER A 240 9.40 -11.48 -14.71
C SER A 240 9.17 -12.59 -13.69
N HIS A 241 9.59 -13.81 -14.04
CA HIS A 241 9.42 -14.94 -13.13
C HIS A 241 10.28 -14.74 -11.90
N GLN A 242 11.47 -14.17 -12.10
CA GLN A 242 12.39 -13.91 -11.01
C GLN A 242 11.88 -12.75 -10.14
N TRP A 243 11.27 -11.76 -10.78
CA TRP A 243 10.74 -10.62 -10.05
C TRP A 243 9.64 -11.09 -9.10
N ASN A 244 8.76 -11.93 -9.61
CA ASN A 244 7.66 -12.45 -8.82
C ASN A 244 8.17 -13.31 -7.67
N THR A 245 9.12 -14.19 -7.96
CA THR A 245 9.68 -15.08 -6.96
C THR A 245 10.29 -14.28 -5.81
N LEU A 246 11.01 -13.21 -6.16
CA LEU A 246 11.63 -12.39 -5.14
C LEU A 246 10.60 -11.63 -4.32
N LEU A 247 9.67 -10.98 -5.00
CA LEU A 247 8.65 -10.20 -4.31
C LEU A 247 7.70 -11.03 -3.48
N SER A 248 7.57 -12.31 -3.82
CA SER A 248 6.68 -13.19 -3.07
C SER A 248 7.09 -13.21 -1.59
N LEU A 249 8.38 -13.03 -1.33
CA LEU A 249 8.91 -13.02 0.03
C LEU A 249 8.42 -11.74 0.74
N HIS A 250 8.23 -10.68 -0.03
CA HIS A 250 7.73 -9.41 0.48
C HIS A 250 6.23 -9.53 0.78
N ASN A 251 5.44 -9.98 -0.19
CA ASN A 251 4.00 -10.12 0.00
C ASN A 251 3.69 -11.11 1.12
N ALA A 252 4.55 -12.11 1.27
CA ALA A 252 4.37 -13.13 2.29
C ALA A 252 4.46 -12.57 3.69
N GLN A 253 5.40 -11.65 3.94
CA GLN A 253 5.52 -11.08 5.27
C GLN A 253 4.31 -10.20 5.55
N PHE A 254 3.83 -9.50 4.52
CA PHE A 254 2.67 -8.64 4.69
C PHE A 254 1.41 -9.47 4.93
N TYR A 255 1.36 -10.66 4.34
CA TYR A 255 0.23 -11.56 4.53
C TYR A 255 0.10 -11.88 6.02
N LEU A 256 1.24 -12.20 6.62
CA LEU A 256 1.29 -12.55 8.03
C LEU A 256 1.10 -11.37 8.98
N LEU A 257 1.88 -10.32 8.78
CA LEU A 257 1.84 -9.15 9.67
C LEU A 257 0.82 -8.07 9.40
N GLN A 258 0.47 -7.84 8.14
CA GLN A 258 -0.46 -6.75 7.87
C GLN A 258 -1.87 -7.15 7.48
N ARG A 259 -2.01 -8.35 6.89
CA ARG A 259 -3.32 -8.80 6.46
C ARG A 259 -4.10 -9.55 7.53
N THR A 260 -3.38 -10.18 8.44
CA THR A 260 -4.02 -10.96 9.52
C THR A 260 -5.07 -10.09 10.20
N PRO A 261 -6.33 -10.56 10.22
CA PRO A 261 -7.43 -9.82 10.83
C PRO A 261 -7.19 -9.28 12.24
N GLU A 262 -6.56 -10.08 13.09
CA GLU A 262 -6.29 -9.69 14.47
C GLU A 262 -5.40 -8.47 14.61
N VAL A 263 -4.70 -8.14 13.53
CA VAL A 263 -3.84 -6.96 13.51
C VAL A 263 -4.46 -5.92 12.57
N ALA A 264 -4.92 -6.37 11.42
CA ALA A 264 -5.50 -5.50 10.40
C ALA A 264 -6.70 -4.67 10.82
N ARG A 265 -7.69 -5.29 11.43
CA ARG A 265 -8.90 -4.59 11.85
C ARG A 265 -8.58 -3.43 12.76
N SER A 266 -7.78 -3.68 13.79
CA SER A 266 -7.38 -2.63 14.72
C SER A 266 -6.61 -1.53 14.00
N ARG A 267 -5.56 -1.93 13.29
CA ARG A 267 -4.67 -0.99 12.59
C ARG A 267 -5.34 -0.13 11.52
N ALA A 268 -6.44 -0.63 10.96
CA ALA A 268 -7.16 0.09 9.90
C ALA A 268 -8.42 0.84 10.34
N THR A 269 -8.83 0.67 11.59
CA THR A 269 -10.06 1.33 12.07
C THR A 269 -10.13 2.82 11.76
N PRO A 270 -9.13 3.60 12.21
CA PRO A 270 -9.20 5.02 11.91
C PRO A 270 -9.44 5.28 10.41
N LEU A 271 -8.79 4.53 9.54
CA LEU A 271 -8.98 4.76 8.10
C LEU A 271 -10.35 4.26 7.66
N LEU A 272 -10.79 3.15 8.23
CA LEU A 272 -12.09 2.61 7.88
C LEU A 272 -13.17 3.65 8.18
N ASP A 273 -13.07 4.28 9.35
CA ASP A 273 -14.03 5.31 9.76
C ASP A 273 -14.02 6.51 8.82
N LEU A 274 -12.83 6.98 8.46
CA LEU A 274 -12.70 8.13 7.56
C LEU A 274 -13.29 7.83 6.19
N ILE A 275 -13.00 6.62 5.69
CA ILE A 275 -13.48 6.20 4.38
C ILE A 275 -15.00 6.13 4.36
N LYS A 276 -15.58 5.44 5.33
CA LYS A 276 -17.03 5.32 5.39
C LYS A 276 -17.69 6.70 5.48
N THR A 277 -17.24 7.52 6.42
CA THR A 277 -17.83 8.83 6.59
C THR A 277 -17.69 9.69 5.33
N ALA A 278 -16.57 9.55 4.62
CA ALA A 278 -16.37 10.31 3.39
C ALA A 278 -17.26 9.84 2.25
N LEU A 279 -17.58 8.54 2.22
CA LEU A 279 -18.42 7.98 1.17
C LEU A 279 -19.91 8.09 1.46
N THR A 280 -20.26 8.23 2.73
CA THR A 280 -21.66 8.33 3.11
C THR A 280 -22.17 9.75 2.91
N PRO A 281 -23.26 9.90 2.16
CA PRO A 281 -23.83 11.24 1.91
C PRO A 281 -24.05 12.01 3.20
N HIS A 282 -23.66 13.28 3.22
CA HIS A 282 -23.83 14.11 4.41
C HIS A 282 -23.55 15.57 4.05
N PRO A 283 -23.87 16.51 4.96
CA PRO A 283 -23.58 17.91 4.63
C PRO A 283 -22.13 18.22 4.98
N PRO A 284 -21.42 18.98 4.12
CA PRO A 284 -20.02 19.32 4.36
C PRO A 284 -19.66 19.60 5.83
N GLN A 285 -19.00 18.63 6.47
CA GLN A 285 -18.58 18.74 7.86
C GLN A 285 -17.13 18.27 8.00
N LYS A 286 -16.73 17.91 9.22
CA LYS A 286 -15.37 17.45 9.45
C LYS A 286 -15.25 16.01 9.98
N GLN A 287 -14.02 15.62 10.27
CA GLN A 287 -13.65 14.31 10.81
C GLN A 287 -12.22 14.53 11.33
N ALA A 288 -11.66 15.68 10.95
CA ALA A 288 -10.31 16.13 11.32
C ALA A 288 -9.60 16.82 10.15
N TYR A 289 -8.42 17.35 10.45
CA TYR A 289 -7.51 18.01 9.48
C TYR A 289 -7.92 19.36 8.89
N GLY A 290 -9.07 19.89 9.29
CA GLY A 290 -9.52 21.16 8.76
C GLY A 290 -10.03 21.00 7.33
N VAL A 291 -10.55 19.82 7.02
CA VAL A 291 -11.07 19.52 5.70
C VAL A 291 -12.55 19.16 5.80
N THR A 292 -13.35 19.65 4.84
CA THR A 292 -14.78 19.39 4.84
C THR A 292 -15.20 18.11 4.08
N LEU A 293 -15.93 17.25 4.79
CA LEU A 293 -16.46 16.01 4.24
C LEU A 293 -17.95 15.94 4.55
N PRO A 294 -18.77 15.39 3.62
CA PRO A 294 -18.35 14.83 2.34
C PRO A 294 -17.92 15.89 1.31
N THR A 295 -17.35 15.43 0.21
CA THR A 295 -16.89 16.31 -0.86
C THR A 295 -17.12 15.58 -2.20
N SER A 296 -16.08 15.50 -3.04
CA SER A 296 -16.17 14.80 -4.31
C SER A 296 -15.01 13.83 -4.39
N VAL A 297 -13.83 14.30 -4.01
CA VAL A 297 -12.62 13.49 -4.05
C VAL A 297 -11.75 13.69 -2.82
N LEU A 298 -11.37 12.58 -2.19
CA LEU A 298 -10.53 12.59 -1.01
C LEU A 298 -9.33 11.71 -1.35
N PHE A 299 -8.13 12.26 -1.24
CA PHE A 299 -6.92 11.50 -1.53
C PHE A 299 -6.13 11.41 -0.23
N ILE A 300 -5.77 10.19 0.15
CA ILE A 300 -5.05 9.95 1.39
C ILE A 300 -3.69 9.32 1.10
N ALA A 301 -2.63 10.02 1.49
CA ALA A 301 -1.28 9.53 1.26
C ALA A 301 -0.79 8.70 2.45
N GLY A 302 -0.74 7.39 2.25
CA GLY A 302 -0.31 6.50 3.31
C GLY A 302 0.78 5.52 2.93
N HIS A 303 0.72 4.34 3.51
CA HIS A 303 1.76 3.33 3.26
C HIS A 303 1.19 2.01 2.79
N ASP A 304 2.09 1.10 2.41
CA ASP A 304 1.66 -0.21 1.97
C ASP A 304 0.94 -0.92 3.09
N THR A 305 1.41 -0.75 4.32
CA THR A 305 0.79 -1.40 5.46
C THR A 305 -0.70 -1.08 5.53
N ASN A 306 -1.05 0.17 5.26
CA ASN A 306 -2.45 0.62 5.28
C ASN A 306 -3.28 -0.11 4.22
N LEU A 307 -2.73 -0.23 3.02
CA LEU A 307 -3.44 -0.91 1.94
C LEU A 307 -3.67 -2.37 2.36
N ALA A 308 -2.65 -3.01 2.90
CA ALA A 308 -2.79 -4.40 3.34
C ALA A 308 -3.74 -4.55 4.52
N ASN A 309 -3.69 -3.60 5.47
CA ASN A 309 -4.59 -3.67 6.64
C ASN A 309 -6.03 -3.57 6.17
N LEU A 310 -6.28 -2.64 5.25
CA LEU A 310 -7.63 -2.44 4.73
C LEU A 310 -8.07 -3.64 3.94
N GLY A 311 -7.15 -4.22 3.17
CA GLY A 311 -7.51 -5.41 2.42
C GLY A 311 -7.92 -6.51 3.39
N GLY A 312 -7.08 -6.74 4.39
CA GLY A 312 -7.37 -7.77 5.37
C GLY A 312 -8.66 -7.53 6.13
N ALA A 313 -8.88 -6.29 6.57
CA ALA A 313 -10.08 -5.93 7.31
C ALA A 313 -11.36 -6.00 6.49
N LEU A 314 -11.26 -5.65 5.20
CA LEU A 314 -12.43 -5.67 4.31
C LEU A 314 -12.56 -6.99 3.56
N GLU A 315 -11.58 -7.86 3.74
CA GLU A 315 -11.54 -9.15 3.07
C GLU A 315 -11.46 -8.94 1.56
N LEU A 316 -10.51 -8.11 1.15
CA LEU A 316 -10.28 -7.82 -0.27
C LEU A 316 -8.93 -8.45 -0.62
N ASN A 317 -8.90 -9.28 -1.65
CA ASN A 317 -7.67 -9.94 -2.08
C ASN A 317 -7.39 -9.62 -3.54
N TRP A 318 -6.12 -9.47 -3.88
CA TRP A 318 -5.78 -9.13 -5.24
C TRP A 318 -4.34 -9.43 -5.63
N THR A 319 -4.11 -9.48 -6.94
CA THR A 319 -2.78 -9.70 -7.48
C THR A 319 -2.79 -8.72 -8.65
N LEU A 320 -1.70 -8.00 -8.83
CA LEU A 320 -1.62 -6.98 -9.86
C LEU A 320 -0.81 -7.41 -11.08
N PRO A 321 -1.49 -7.68 -12.21
CA PRO A 321 -0.75 -8.10 -13.41
C PRO A 321 0.31 -7.09 -13.86
N GLY A 322 1.56 -7.54 -13.91
CA GLY A 322 2.65 -6.69 -14.32
C GLY A 322 3.30 -5.97 -13.15
N GLN A 323 2.87 -6.28 -11.94
CA GLN A 323 3.39 -5.62 -10.74
C GLN A 323 3.52 -6.66 -9.63
N PRO A 324 4.75 -7.14 -9.39
CA PRO A 324 5.03 -8.15 -8.37
C PRO A 324 4.72 -7.77 -6.91
N ASP A 325 4.70 -6.46 -6.61
CA ASP A 325 4.40 -6.01 -5.26
C ASP A 325 2.90 -5.76 -5.19
N ASN A 326 2.20 -6.44 -4.28
CA ASN A 326 0.73 -6.28 -4.14
C ASN A 326 0.33 -4.90 -3.61
N THR A 327 1.27 -4.21 -2.95
CA THR A 327 1.04 -2.87 -2.40
C THR A 327 2.22 -2.02 -2.86
N PRO A 328 2.32 -1.80 -4.18
CA PRO A 328 3.39 -1.04 -4.81
C PRO A 328 3.37 0.45 -4.57
N PRO A 329 4.54 1.11 -4.76
CA PRO A 329 4.62 2.55 -4.57
C PRO A 329 3.60 3.20 -5.49
N GLY A 330 2.83 4.15 -4.96
CA GLY A 330 1.82 4.80 -5.76
C GLY A 330 0.52 4.01 -5.86
N GLY A 331 0.53 2.75 -5.41
CA GLY A 331 -0.67 1.93 -5.46
C GLY A 331 -1.87 2.59 -4.79
N GLU A 332 -3.03 2.53 -5.44
CA GLU A 332 -4.24 3.16 -4.91
C GLU A 332 -5.43 2.25 -4.67
N LEU A 333 -5.94 2.27 -3.44
CA LEU A 333 -7.12 1.49 -3.11
C LEU A 333 -8.21 2.52 -3.39
N VAL A 334 -8.98 2.31 -4.45
CA VAL A 334 -10.02 3.26 -4.83
C VAL A 334 -11.42 2.87 -4.39
N PHE A 335 -12.03 3.73 -3.58
CA PHE A 335 -13.39 3.53 -3.11
C PHE A 335 -14.26 4.54 -3.81
N GLU A 336 -15.34 4.09 -4.42
CA GLU A 336 -16.23 4.98 -5.14
C GLU A 336 -17.67 4.75 -4.75
N ARG A 337 -18.44 5.83 -4.75
CA ARG A 337 -19.85 5.72 -4.47
C ARG A 337 -20.54 6.13 -5.77
N TRP A 338 -21.35 5.23 -6.32
CA TRP A 338 -22.09 5.51 -7.53
C TRP A 338 -23.57 5.51 -7.19
N ARG A 339 -24.33 6.37 -7.85
CA ARG A 339 -25.76 6.43 -7.59
C ARG A 339 -26.49 5.88 -8.82
N ARG A 340 -27.44 4.99 -8.59
CA ARG A 340 -28.21 4.40 -9.67
C ARG A 340 -29.33 5.36 -10.02
N LEU A 341 -29.23 5.97 -11.19
CA LEU A 341 -30.21 6.94 -11.65
C LEU A 341 -31.64 6.42 -11.61
N SER A 342 -31.83 5.16 -11.96
CA SER A 342 -33.17 4.57 -11.97
C SER A 342 -33.94 4.71 -10.67
N ASP A 343 -33.30 4.43 -9.53
CA ASP A 343 -33.99 4.52 -8.25
C ASP A 343 -33.26 5.33 -7.17
N ASN A 344 -32.17 5.99 -7.56
CA ASN A 344 -31.37 6.80 -6.63
C ASN A 344 -30.77 5.99 -5.48
N SER A 345 -30.47 4.72 -5.73
CA SER A 345 -29.87 3.90 -4.70
C SER A 345 -28.35 4.13 -4.73
N GLN A 346 -27.70 3.97 -3.59
CA GLN A 346 -26.26 4.17 -3.47
C GLN A 346 -25.46 2.86 -3.51
N TRP A 347 -24.37 2.86 -4.25
CA TRP A 347 -23.53 1.67 -4.36
C TRP A 347 -22.06 2.02 -4.26
N ILE A 348 -21.27 1.08 -3.71
CA ILE A 348 -19.84 1.28 -3.54
C ILE A 348 -19.01 0.28 -4.34
N GLN A 349 -17.98 0.79 -5.00
CA GLN A 349 -17.09 -0.04 -5.78
C GLN A 349 -15.66 0.15 -5.25
N VAL A 350 -14.92 -0.95 -5.22
CA VAL A 350 -13.55 -0.88 -4.74
C VAL A 350 -12.62 -1.43 -5.81
N SER A 351 -11.54 -0.70 -6.07
CA SER A 351 -10.57 -1.10 -7.07
C SER A 351 -9.18 -0.87 -6.52
N LEU A 352 -8.19 -1.35 -7.25
CA LEU A 352 -6.81 -1.16 -6.87
C LEU A 352 -6.19 -0.69 -8.17
N VAL A 353 -5.80 0.57 -8.20
CA VAL A 353 -5.19 1.15 -9.38
C VAL A 353 -3.68 1.21 -9.11
N PHE A 354 -2.89 0.92 -10.13
CA PHE A 354 -1.45 0.90 -9.96
C PHE A 354 -0.75 0.94 -11.32
N GLN A 355 0.53 1.31 -11.26
CA GLN A 355 1.38 1.35 -12.44
C GLN A 355 2.15 0.03 -12.45
N THR A 356 2.22 -0.63 -13.60
CA THR A 356 2.96 -1.88 -13.68
C THR A 356 4.40 -1.51 -13.41
N LEU A 357 5.20 -2.49 -13.03
CA LEU A 357 6.59 -2.23 -12.75
C LEU A 357 7.30 -1.65 -13.98
N GLN A 358 6.80 -1.99 -15.17
CA GLN A 358 7.41 -1.48 -16.40
C GLN A 358 7.02 -0.02 -16.66
N GLN A 359 5.78 0.34 -16.34
CA GLN A 359 5.31 1.71 -16.53
C GLN A 359 6.09 2.63 -15.59
N MET A 360 6.59 2.07 -14.50
CA MET A 360 7.38 2.84 -13.55
C MET A 360 8.78 2.94 -14.13
N ARG A 361 9.36 1.79 -14.42
CA ARG A 361 10.70 1.67 -14.99
C ARG A 361 10.85 2.59 -16.21
N ASP A 362 9.89 2.52 -17.13
CA ASP A 362 9.94 3.36 -18.32
C ASP A 362 9.36 4.75 -18.07
N LYS A 363 8.94 5.00 -16.83
CA LYS A 363 8.34 6.28 -16.47
C LYS A 363 7.32 6.68 -17.52
N THR A 364 6.48 5.72 -17.93
CA THR A 364 5.49 6.01 -18.96
C THR A 364 4.35 6.89 -18.49
N PRO A 365 4.12 8.02 -19.19
CA PRO A 365 3.04 8.94 -18.82
C PRO A 365 1.71 8.22 -18.93
N LEU A 366 0.77 8.55 -18.06
CA LEU A 366 -0.52 7.90 -18.06
C LEU A 366 -1.63 8.78 -18.62
N SER A 367 -2.64 8.14 -19.18
CA SER A 367 -3.78 8.86 -19.76
C SER A 367 -4.86 7.84 -20.06
N LEU A 368 -6.02 8.31 -20.49
CA LEU A 368 -7.10 7.39 -20.82
C LEU A 368 -6.68 6.42 -21.93
N ASN A 369 -5.79 6.85 -22.81
CA ASN A 369 -5.30 6.00 -23.89
C ASN A 369 -4.25 5.02 -23.39
N THR A 370 -3.51 5.44 -22.35
CA THR A 370 -2.49 4.60 -21.76
C THR A 370 -2.70 4.63 -20.24
N PRO A 371 -3.78 4.00 -19.76
CA PRO A 371 -4.13 3.95 -18.34
C PRO A 371 -3.21 3.05 -17.51
N PRO A 372 -3.21 3.26 -16.19
CA PRO A 372 -2.37 2.42 -15.34
C PRO A 372 -3.10 1.10 -15.17
N GLY A 373 -2.46 0.10 -14.59
CA GLY A 373 -3.14 -1.15 -14.37
C GLY A 373 -4.32 -0.89 -13.45
N GLU A 374 -5.30 -1.77 -13.46
CA GLU A 374 -6.48 -1.61 -12.64
C GLU A 374 -7.16 -2.95 -12.40
N VAL A 375 -7.58 -3.21 -11.17
CA VAL A 375 -8.26 -4.46 -10.85
C VAL A 375 -9.49 -4.16 -10.00
N LYS A 376 -10.67 -4.53 -10.51
CA LYS A 376 -11.89 -4.32 -9.75
C LYS A 376 -11.99 -5.36 -8.65
N LEU A 377 -12.15 -4.88 -7.42
CA LEU A 377 -12.21 -5.75 -6.27
C LEU A 377 -13.64 -6.08 -5.86
N THR A 378 -13.79 -7.23 -5.22
CA THR A 378 -15.08 -7.67 -4.74
C THR A 378 -15.05 -7.87 -3.22
N LEU A 379 -15.94 -7.19 -2.51
CA LEU A 379 -16.01 -7.34 -1.06
C LEU A 379 -16.57 -8.74 -0.80
N ALA A 380 -15.72 -9.62 -0.28
CA ALA A 380 -16.09 -11.01 -0.02
C ALA A 380 -17.33 -11.19 0.83
N GLY A 381 -17.47 -10.36 1.87
CA GLY A 381 -18.62 -10.48 2.75
C GLY A 381 -19.84 -9.65 2.38
N CYS A 382 -19.95 -9.20 1.13
CA CYS A 382 -21.10 -8.41 0.73
C CYS A 382 -22.13 -9.26 0.02
N GLU A 383 -23.36 -9.21 0.51
CA GLU A 383 -24.45 -9.99 -0.06
C GLU A 383 -25.19 -9.18 -1.12
N GLU A 384 -25.67 -8.00 -0.72
CA GLU A 384 -26.43 -7.11 -1.60
C GLU A 384 -25.57 -6.39 -2.64
N ARG A 385 -25.49 -6.98 -3.83
CA ARG A 385 -24.71 -6.42 -4.95
C ARG A 385 -25.63 -5.96 -6.08
N ASN A 386 -25.10 -5.09 -6.93
CA ASN A 386 -25.88 -4.61 -8.07
C ASN A 386 -25.38 -5.31 -9.32
N ALA A 387 -25.93 -4.94 -10.47
CA ALA A 387 -25.53 -5.55 -11.74
C ALA A 387 -24.01 -5.53 -11.94
N GLN A 388 -23.41 -4.35 -11.76
CA GLN A 388 -21.97 -4.19 -11.93
C GLN A 388 -21.17 -4.90 -10.85
N GLY A 389 -21.87 -5.52 -9.90
CA GLY A 389 -21.20 -6.23 -8.83
C GLY A 389 -20.76 -5.36 -7.66
N MET A 390 -21.22 -4.11 -7.63
CA MET A 390 -20.87 -3.20 -6.55
C MET A 390 -21.66 -3.61 -5.31
N CYS A 391 -21.20 -3.18 -4.14
CA CYS A 391 -21.90 -3.50 -2.90
C CYS A 391 -22.80 -2.30 -2.59
N SER A 392 -23.93 -2.54 -1.94
CA SER A 392 -24.82 -1.42 -1.61
C SER A 392 -24.20 -0.60 -0.48
N LEU A 393 -24.64 0.65 -0.34
CA LEU A 393 -24.11 1.51 0.70
C LEU A 393 -24.33 0.82 2.04
N ALA A 394 -25.55 0.34 2.24
CA ALA A 394 -25.91 -0.33 3.48
C ALA A 394 -25.04 -1.55 3.69
N GLY A 395 -24.83 -2.32 2.62
CA GLY A 395 -24.00 -3.51 2.72
C GLY A 395 -22.59 -3.16 3.13
N PHE A 396 -22.00 -2.19 2.43
CA PHE A 396 -20.65 -1.73 2.72
C PHE A 396 -20.57 -1.20 4.16
N THR A 397 -21.54 -0.38 4.56
CA THR A 397 -21.56 0.20 5.90
C THR A 397 -21.58 -0.89 6.96
N GLN A 398 -22.30 -1.97 6.66
CA GLN A 398 -22.40 -3.09 7.58
C GLN A 398 -21.02 -3.76 7.67
N ILE A 399 -20.38 -3.96 6.53
CA ILE A 399 -19.05 -4.56 6.49
C ILE A 399 -18.05 -3.73 7.31
N VAL A 400 -18.04 -2.42 7.08
CA VAL A 400 -17.15 -1.53 7.83
C VAL A 400 -17.47 -1.52 9.32
N ASN A 401 -18.76 -1.49 9.65
CA ASN A 401 -19.17 -1.47 11.05
C ASN A 401 -18.78 -2.74 11.84
N GLU A 402 -18.71 -3.87 11.16
CA GLU A 402 -18.36 -5.12 11.84
C GLU A 402 -16.85 -5.36 11.89
N ALA A 403 -16.13 -4.86 10.88
CA ALA A 403 -14.67 -5.04 10.81
C ALA A 403 -13.92 -4.12 11.79
N ARG A 404 -14.33 -2.86 11.86
CA ARG A 404 -13.68 -1.90 12.74
C ARG A 404 -13.64 -2.33 14.20
N ILE A 405 -12.69 -1.77 14.95
CA ILE A 405 -12.54 -2.05 16.37
C ILE A 405 -12.78 -0.70 17.03
N PRO A 406 -13.98 -0.49 17.57
CA PRO A 406 -14.34 0.76 18.23
C PRO A 406 -13.30 1.31 19.21
N ALA A 407 -12.65 0.43 19.95
CA ALA A 407 -11.64 0.85 20.91
C ALA A 407 -10.46 1.49 20.19
N CYS A 408 -10.39 1.33 18.87
CA CYS A 408 -9.29 1.88 18.07
C CYS A 408 -9.68 3.10 17.24
N SER A 409 -10.95 3.49 17.30
CA SER A 409 -11.39 4.66 16.55
C SER A 409 -10.76 5.89 17.19
N LEU A 410 -10.60 6.95 16.41
CA LEU A 410 -10.01 8.18 16.92
C LEU A 410 -11.04 9.05 17.63
HG HG B . -5.06 21.76 6.94
HG HG C . 5.87 -2.57 -0.52
HG HG D . -18.59 14.99 7.95
HG HG E . -16.54 12.91 0.87
W WO4 F . 6.23 2.64 3.20
O1 WO4 F . 7.52 2.50 2.14
O2 WO4 F . 6.46 1.51 4.40
O3 WO4 F . 6.21 4.13 3.94
O4 WO4 F . 4.80 2.34 2.39
#